data_8YZL
#
_entry.id   8YZL
#
_entity_poly.entity_id   1
_entity_poly.type   'polyribonucleotide'
_entity_poly.pdbx_seq_one_letter_code
;CCGGGGCCGG
;
_entity_poly.pdbx_strand_id   A,B
#